data_4AX2
#
_entry.id   4AX2
#
_cell.length_a   77.970
_cell.length_b   77.970
_cell.length_c   50.550
_cell.angle_alpha   90.00
_cell.angle_beta   90.00
_cell.angle_gamma   120.00
#
_symmetry.space_group_name_H-M   'P 31 2 1'
#
loop_
_entity.id
_entity.type
_entity.pdbx_description
1 polymer RAP1B
2 non-polymer 'IODIDE ION'
3 non-polymer 1,2-ETHANEDIOL
4 water water
#
_entity_poly.entity_id   1
_entity_poly.type   'polypeptide(L)'
_entity_poly.pdbx_seq_one_letter_code
;HHHHHHSSGENLYFQGHMAPIQDPVAFIKQMPYHQVVKELALSRCLAQVSDSDKAFSLDAARTANAMREWMPFDIESGDE
KINVLIDKYKSRINEFHSETKDKSQGVTLNCLRLYHSPELDKLSRQLIAGNPDRTWNQDNAK
;
_entity_poly.pdbx_strand_id   A
#
# COMPACT_ATOMS: atom_id res chain seq x y z
N GLN A 15 26.29 -9.43 10.57
CA GLN A 15 27.18 -10.63 10.49
C GLN A 15 26.38 -11.87 10.07
N GLY A 16 26.93 -12.64 9.13
CA GLY A 16 26.25 -13.82 8.59
C GLY A 16 25.02 -13.46 7.77
N HIS A 17 25.03 -12.25 7.21
CA HIS A 17 23.89 -11.74 6.43
C HIS A 17 23.60 -12.57 5.20
N MET A 18 22.33 -12.61 4.81
CA MET A 18 21.88 -13.42 3.68
C MET A 18 22.20 -12.68 2.36
N ALA A 19 22.24 -13.43 1.26
CA ALA A 19 22.55 -12.86 -0.06
C ALA A 19 21.49 -11.83 -0.51
N PRO A 20 21.84 -10.93 -1.45
CA PRO A 20 20.87 -9.95 -1.99
C PRO A 20 19.69 -10.58 -2.71
N ILE A 21 18.55 -9.87 -2.75
CA ILE A 21 17.34 -10.30 -3.48
C ILE A 21 17.43 -9.92 -4.96
N GLN A 22 17.33 -10.91 -5.86
CA GLN A 22 17.54 -10.67 -7.30
C GLN A 22 16.40 -9.91 -7.98
N ASP A 23 15.15 -10.38 -7.86
CA ASP A 23 14.00 -9.55 -8.27
C ASP A 23 13.17 -9.17 -7.05
N PRO A 24 13.41 -7.97 -6.51
CA PRO A 24 12.72 -7.47 -5.32
C PRO A 24 11.19 -7.43 -5.45
N VAL A 25 10.64 -7.27 -6.65
CA VAL A 25 9.20 -7.16 -6.79
C VAL A 25 8.53 -8.37 -7.43
N ALA A 26 9.24 -9.49 -7.55
CA ALA A 26 8.65 -10.72 -8.05
C ALA A 26 7.32 -11.01 -7.36
N PHE A 27 7.27 -10.81 -6.05
CA PHE A 27 6.03 -11.12 -5.32
C PHE A 27 4.86 -10.17 -5.63
N ILE A 28 5.17 -8.94 -6.04
CA ILE A 28 4.16 -7.95 -6.45
C ILE A 28 3.60 -8.26 -7.84
N LYS A 29 4.50 -8.70 -8.71
CA LYS A 29 4.16 -9.00 -10.11
C LYS A 29 3.21 -10.19 -10.25
N GLN A 30 3.15 -11.04 -9.23
CA GLN A 30 2.22 -12.16 -9.18
C GLN A 30 0.85 -11.83 -8.56
N MET A 31 0.70 -10.62 -8.01
CA MET A 31 -0.54 -10.24 -7.32
C MET A 31 -1.61 -9.77 -8.28
N PRO A 32 -2.88 -10.04 -7.98
CA PRO A 32 -3.89 -9.30 -8.72
C PRO A 32 -3.72 -7.81 -8.47
N TYR A 33 -3.95 -7.00 -9.49
CA TYR A 33 -3.73 -5.56 -9.40
C TYR A 33 -4.44 -4.89 -8.20
N HIS A 34 -5.66 -5.32 -7.86
CA HIS A 34 -6.35 -4.71 -6.74
C HIS A 34 -5.55 -4.86 -5.46
N GLN A 35 -4.87 -6.00 -5.30
CA GLN A 35 -3.97 -6.18 -4.17
C GLN A 35 -2.78 -5.24 -4.17
N VAL A 36 -2.20 -4.97 -5.35
CA VAL A 36 -1.09 -4.03 -5.44
C VAL A 36 -1.47 -2.65 -4.94
N VAL A 37 -2.69 -2.22 -5.24
CA VAL A 37 -3.19 -0.95 -4.75
C VAL A 37 -3.19 -0.96 -3.22
N LYS A 38 -3.61 -2.06 -2.63
CA LYS A 38 -3.63 -2.18 -1.14
C LYS A 38 -2.23 -2.11 -0.56
N GLU A 39 -1.25 -2.72 -1.23
CA GLU A 39 0.13 -2.64 -0.80
C GLU A 39 0.61 -1.18 -0.82
N LEU A 40 0.23 -0.45 -1.86
CA LEU A 40 0.59 0.96 -1.95
C LEU A 40 -0.04 1.73 -0.78
N ALA A 41 -1.33 1.48 -0.56
CA ALA A 41 -2.07 2.18 0.50
C ALA A 41 -1.48 1.90 1.88
N LEU A 42 -1.20 0.64 2.17
CA LEU A 42 -0.57 0.26 3.46
C LEU A 42 0.79 0.95 3.62
N SER A 43 1.64 0.85 2.61
CA SER A 43 2.98 1.42 2.68
C SER A 43 2.94 2.92 2.91
N ARG A 44 2.06 3.61 2.19
CA ARG A 44 1.93 5.06 2.37
C ARG A 44 1.32 5.44 3.72
N CYS A 45 0.37 4.65 4.22
CA CYS A 45 -0.16 4.86 5.56
C CYS A 45 0.99 4.78 6.56
N LEU A 46 1.82 3.76 6.43
CA LEU A 46 2.96 3.57 7.33
C LEU A 46 3.93 4.75 7.24
N ALA A 47 4.20 5.23 6.02
CA ALA A 47 5.01 6.45 5.82
C ALA A 47 4.45 7.66 6.54
N GLN A 48 3.12 7.81 6.49
CA GLN A 48 2.47 9.00 7.07
C GLN A 48 2.36 8.98 8.58
N VAL A 49 2.33 7.80 9.18
CA VAL A 49 2.20 7.68 10.65
C VAL A 49 3.53 7.59 11.37
N SER A 50 4.62 7.61 10.62
CA SER A 50 5.95 7.56 11.19
C SER A 50 6.56 8.94 10.96
N ASP A 51 7.80 9.13 11.36
CA ASP A 51 8.40 10.49 11.34
C ASP A 51 8.74 10.84 9.90
N SER A 52 8.12 11.85 9.28
CA SER A 52 8.46 12.22 7.87
C SER A 52 9.95 12.48 7.64
N ASP A 53 10.62 12.99 8.67
CA ASP A 53 12.06 13.25 8.63
C ASP A 53 12.89 12.06 9.17
N LYS A 54 12.43 10.82 8.94
CA LYS A 54 13.18 9.65 9.35
C LYS A 54 13.35 8.68 8.19
N ALA A 55 14.30 7.76 8.35
CA ALA A 55 14.65 6.81 7.29
C ALA A 55 13.52 5.84 7.03
N PHE A 56 12.86 5.36 8.09
CA PHE A 56 11.75 4.43 7.88
C PHE A 56 10.63 5.04 7.06
N SER A 57 10.12 6.20 7.47
CA SER A 57 9.04 6.87 6.74
C SER A 57 9.41 7.04 5.27
N LEU A 58 10.65 7.44 4.99
CA LEU A 58 11.08 7.65 3.62
C LEU A 58 11.10 6.35 2.83
N ASP A 59 11.57 5.29 3.48
CA ASP A 59 11.59 3.94 2.90
C ASP A 59 10.17 3.48 2.52
N ALA A 60 9.22 3.66 3.45
CA ALA A 60 7.82 3.29 3.22
C ALA A 60 7.19 4.11 2.07
N ALA A 61 7.49 5.41 2.02
CA ALA A 61 6.99 6.29 0.94
C ALA A 61 7.48 5.84 -0.42
N ARG A 62 8.77 5.56 -0.51
CA ARG A 62 9.36 5.11 -1.76
C ARG A 62 8.83 3.75 -2.18
N THR A 63 8.64 2.86 -1.21
CA THR A 63 8.02 1.55 -1.48
C THR A 63 6.60 1.72 -2.05
N ALA A 64 5.81 2.58 -1.42
CA ALA A 64 4.45 2.88 -1.92
C ALA A 64 4.51 3.40 -3.35
N ASN A 65 5.35 4.41 -3.58
CA ASN A 65 5.43 5.01 -4.90
C ASN A 65 5.87 4.01 -5.97
N ALA A 66 6.79 3.14 -5.60
CA ALA A 66 7.34 2.15 -6.52
C ALA A 66 6.28 1.14 -6.98
N MET A 67 5.24 0.94 -6.18
CA MET A 67 4.17 0.00 -6.52
C MET A 67 3.48 0.38 -7.83
N ARG A 68 3.39 1.67 -8.09
CA ARG A 68 2.65 2.13 -9.26
C ARG A 68 3.25 1.60 -10.58
N GLU A 69 4.54 1.27 -10.58
CA GLU A 69 5.17 0.74 -11.80
C GLU A 69 4.56 -0.61 -12.20
N TRP A 70 3.95 -1.33 -11.26
CA TRP A 70 3.57 -2.72 -11.49
C TRP A 70 2.09 -2.93 -11.64
N MET A 71 1.36 -1.84 -11.89
CA MET A 71 -0.07 -1.89 -12.12
C MET A 71 -0.55 -0.75 -13.00
N PRO A 72 -1.63 -0.98 -13.77
CA PRO A 72 -2.22 0.09 -14.60
C PRO A 72 -3.11 1.00 -13.73
N PHE A 73 -2.46 1.73 -12.85
CA PHE A 73 -3.08 2.53 -11.79
C PHE A 73 -3.55 3.86 -12.35
N ASP A 74 -4.66 4.37 -11.83
CA ASP A 74 -5.19 5.65 -12.31
C ASP A 74 -4.58 6.74 -11.42
N ILE A 75 -3.44 7.27 -11.83
CA ILE A 75 -2.63 8.10 -10.93
C ILE A 75 -3.29 9.45 -10.66
N GLU A 76 -3.85 10.04 -11.73
CA GLU A 76 -4.33 11.43 -11.68
C GLU A 76 -5.44 11.58 -10.65
N SER A 77 -6.36 10.61 -10.62
CA SER A 77 -7.43 10.59 -9.61
C SER A 77 -7.07 9.72 -8.40
N GLY A 78 -6.32 8.64 -8.63
CA GLY A 78 -6.10 7.61 -7.61
C GLY A 78 -5.28 8.07 -6.41
N ASP A 79 -4.32 8.95 -6.66
CA ASP A 79 -3.46 9.47 -5.61
C ASP A 79 -4.29 10.02 -4.46
N GLU A 80 -5.12 11.04 -4.77
CA GLU A 80 -5.91 11.68 -3.72
C GLU A 80 -7.03 10.80 -3.22
N LYS A 81 -7.60 9.95 -4.06
CA LYS A 81 -8.64 9.04 -3.59
CA LYS A 81 -8.63 9.02 -3.60
C LYS A 81 -8.05 8.11 -2.51
N ILE A 82 -6.89 7.51 -2.78
CA ILE A 82 -6.18 6.70 -1.78
C ILE A 82 -5.82 7.50 -0.54
N ASN A 83 -5.33 8.73 -0.75
CA ASN A 83 -4.85 9.54 0.37
C ASN A 83 -5.99 9.99 1.26
N VAL A 84 -7.12 10.39 0.67
CA VAL A 84 -8.30 10.70 1.47
C VAL A 84 -8.72 9.48 2.33
N LEU A 85 -8.75 8.30 1.73
CA LEU A 85 -9.09 7.07 2.49
C LEU A 85 -8.09 6.80 3.63
N ILE A 86 -6.80 6.93 3.36
CA ILE A 86 -5.78 6.79 4.41
C ILE A 86 -6.10 7.75 5.55
N ASP A 87 -6.44 9.00 5.20
CA ASP A 87 -6.71 10.02 6.19
C ASP A 87 -7.90 9.67 7.08
N LYS A 88 -8.83 8.87 6.57
CA LYS A 88 -10.00 8.44 7.36
C LYS A 88 -9.66 7.31 8.35
N TYR A 89 -8.47 6.70 8.22
CA TYR A 89 -8.03 5.60 9.10
C TYR A 89 -6.85 5.93 10.02
N LYS A 90 -5.87 6.67 9.52
CA LYS A 90 -4.54 6.72 10.13
C LYS A 90 -4.44 7.35 11.51
N SER A 91 -5.36 8.28 11.82
CA SER A 91 -5.29 9.15 13.00
C SER A 91 -6.30 8.77 14.03
N ARG A 92 -7.02 7.68 13.80
CA ARG A 92 -8.05 7.26 14.72
C ARG A 92 -7.45 7.05 16.10
N ILE A 93 -8.23 7.44 17.09
CA ILE A 93 -7.86 7.23 18.48
C ILE A 93 -8.42 5.86 18.84
N ASN A 94 -7.55 4.97 19.29
CA ASN A 94 -7.96 3.61 19.60
C ASN A 94 -8.36 3.52 21.05
N GLU A 95 -9.63 3.22 21.30
CA GLU A 95 -10.17 3.09 22.66
C GLU A 95 -9.93 1.66 23.14
N PHE A 96 -8.68 1.39 23.52
CA PHE A 96 -8.28 0.04 23.91
C PHE A 96 -8.95 -0.34 25.23
N HIS A 97 -9.34 -1.61 25.35
CA HIS A 97 -10.08 -2.12 26.51
C HIS A 97 -9.13 -2.59 27.57
N SER A 98 -9.59 -2.57 28.82
CA SER A 98 -8.82 -3.06 29.98
C SER A 98 -7.37 -2.52 30.01
N LYS A 103 0.26 1.32 25.51
CA LYS A 103 0.27 2.76 25.81
C LYS A 103 0.53 3.62 24.57
N SER A 104 0.88 2.97 23.45
CA SER A 104 1.00 3.65 22.16
C SER A 104 -0.39 3.93 21.57
N GLN A 105 -0.44 4.80 20.57
CA GLN A 105 -1.71 5.19 19.95
C GLN A 105 -2.25 4.12 19.01
N GLY A 106 -1.41 3.19 18.59
CA GLY A 106 -1.83 2.15 17.66
C GLY A 106 -1.97 2.66 16.24
N VAL A 107 -1.08 3.55 15.82
CA VAL A 107 -1.06 3.98 14.42
C VAL A 107 -0.79 2.80 13.46
N THR A 108 0.02 1.82 13.89
CA THR A 108 0.30 0.64 13.07
C THR A 108 -0.99 -0.15 12.88
N LEU A 109 -1.72 -0.32 13.98
CA LEU A 109 -3.03 -0.96 13.95
C LEU A 109 -4.01 -0.22 13.01
N ASN A 110 -3.99 1.11 13.04
CA ASN A 110 -4.84 1.90 12.13
C ASN A 110 -4.57 1.60 10.65
N CYS A 111 -3.28 1.53 10.30
CA CYS A 111 -2.88 1.17 8.94
C CYS A 111 -3.29 -0.26 8.54
N LEU A 112 -3.16 -1.21 9.48
CA LEU A 112 -3.64 -2.56 9.23
C LEU A 112 -5.17 -2.58 9.05
N ARG A 113 -5.90 -1.77 9.82
CA ARG A 113 -7.37 -1.71 9.71
C ARG A 113 -7.74 -1.21 8.32
N LEU A 114 -7.10 -0.12 7.91
CA LEU A 114 -7.22 0.38 6.54
C LEU A 114 -6.98 -0.72 5.51
N TYR A 115 -5.85 -1.40 5.65
CA TYR A 115 -5.41 -2.41 4.67
C TYR A 115 -6.45 -3.51 4.48
N HIS A 116 -7.12 -3.90 5.55
CA HIS A 116 -8.17 -4.94 5.48
C HIS A 116 -9.59 -4.43 5.29
N SER A 117 -9.77 -3.12 5.18
CA SER A 117 -11.11 -2.53 5.14
C SER A 117 -11.88 -2.87 3.87
N PRO A 118 -13.20 -3.05 4.00
CA PRO A 118 -14.02 -3.18 2.82
C PRO A 118 -13.89 -1.95 1.90
N GLU A 119 -13.73 -0.78 2.50
CA GLU A 119 -13.64 0.49 1.76
C GLU A 119 -12.42 0.49 0.82
N LEU A 120 -11.27 0.09 1.35
CA LEU A 120 -10.07 -0.01 0.53
C LEU A 120 -10.25 -1.13 -0.49
N ASP A 121 -10.87 -2.25 -0.10
CA ASP A 121 -11.06 -3.34 -1.06
C ASP A 121 -11.87 -2.86 -2.27
N LYS A 122 -12.96 -2.13 -2.02
CA LYS A 122 -13.79 -1.56 -3.08
C LYS A 122 -12.99 -0.57 -3.94
N LEU A 123 -12.31 0.37 -3.28
CA LEU A 123 -11.53 1.39 -4.01
C LEU A 123 -10.41 0.79 -4.83
N SER A 124 -9.76 -0.25 -4.30
CA SER A 124 -8.63 -0.93 -4.96
C SER A 124 -8.98 -1.51 -6.34
N ARG A 125 -10.24 -1.86 -6.52
CA ARG A 125 -10.73 -2.40 -7.77
C ARG A 125 -11.08 -1.26 -8.73
N GLN A 126 -11.60 -0.16 -8.19
CA GLN A 126 -12.01 1.00 -9.00
C GLN A 126 -10.84 1.73 -9.67
N LEU A 127 -9.66 1.69 -9.06
CA LEU A 127 -8.52 2.49 -9.51
C LEU A 127 -7.60 1.78 -10.52
N ILE A 128 -8.02 0.60 -10.98
CA ILE A 128 -7.24 -0.21 -11.93
C ILE A 128 -7.92 -0.18 -13.30
N ALA A 129 -7.16 0.22 -14.31
CA ALA A 129 -7.62 0.12 -15.70
C ALA A 129 -7.75 -1.34 -16.08
N GLY A 130 -8.80 -1.67 -16.85
CA GLY A 130 -9.12 -3.05 -17.15
C GLY A 130 -9.54 -3.90 -15.95
N ASN A 131 -9.42 -5.21 -16.11
CA ASN A 131 -9.81 -6.20 -15.10
C ASN A 131 -8.88 -6.09 -13.91
N PRO A 132 -9.42 -5.78 -12.72
CA PRO A 132 -8.52 -5.62 -11.58
C PRO A 132 -7.96 -6.93 -11.02
N ASP A 133 -8.45 -8.08 -11.51
CA ASP A 133 -7.94 -9.38 -11.06
C ASP A 133 -6.73 -9.90 -11.89
N ARG A 134 -6.36 -9.21 -12.95
CA ARG A 134 -5.18 -9.62 -13.71
C ARG A 134 -3.92 -9.24 -12.93
N THR A 135 -2.79 -9.82 -13.32
CA THR A 135 -1.51 -9.55 -12.67
C THR A 135 -0.53 -8.95 -13.64
N TRP A 136 0.52 -8.33 -13.10
CA TRP A 136 1.55 -7.77 -13.97
C TRP A 136 2.18 -8.84 -14.84
N ASN A 137 2.46 -10.01 -14.26
CA ASN A 137 3.03 -11.10 -15.04
C ASN A 137 2.15 -11.54 -16.21
N GLN A 138 0.86 -11.64 -15.93
CA GLN A 138 -0.13 -11.97 -16.96
C GLN A 138 -0.09 -11.00 -18.12
N ASP A 139 -0.01 -9.71 -17.80
CA ASP A 139 -0.06 -8.67 -18.80
C ASP A 139 1.25 -8.38 -19.51
N ASN A 140 2.39 -8.73 -18.90
CA ASN A 140 3.70 -8.32 -19.42
C ASN A 140 4.64 -9.49 -19.75
N ALA A 141 4.47 -10.62 -19.06
CA ALA A 141 5.39 -11.74 -19.17
C ALA A 141 4.84 -12.92 -19.98
N LYS A 142 3.54 -12.98 -20.20
CA LYS A 142 3.01 -14.11 -20.94
C LYS A 142 1.79 -13.78 -21.77
#